data_6CW0
#
_entry.id   6CW0
#
_cell.length_a   32.543
_cell.length_b   71.422
_cell.length_c   98.274
_cell.angle_alpha   90.000
_cell.angle_beta   90.000
_cell.angle_gamma   90.000
#
_symmetry.space_group_name_H-M   'P 21 21 21'
#
loop_
_entity.id
_entity.type
_entity.pdbx_description
1 polymer 'Cgd2_2690 protein'
2 non-polymer 4-{[(7R)-8-cyclopentyl-7-ethyl-5-methyl-6-oxo-5,6,7,8-tetrahydropteridin-2-yl]amino}-3-methoxy-N-(1-methylpiperidin-4-yl)benzamide
3 non-polymer GLYCEROL
4 non-polymer 'UNKNOWN ATOM OR ION'
5 non-polymer 'SULFATE ION'
6 water water
#
_entity_poly.entity_id   1
_entity_poly.type   'polypeptide(L)'
_entity_poly.pdbx_seq_one_letter_code
;GMEDYSREYSEVLLQLKELQDSEAFLEPVNWKKLGLDDYPDIVKNPMDLKTIGKKIKANFYTKAEQFWADIDLIWHNCQL
YNHESSEVYQQSIRMQDAANNLRDML
;
_entity_poly.pdbx_strand_id   A,B
#
# COMPACT_ATOMS: atom_id res chain seq x y z
N GLU A 3 13.78 -20.59 3.55
CA GLU A 3 14.22 -20.46 4.98
C GLU A 3 14.52 -19.01 5.37
N ASP A 4 15.41 -18.33 4.63
CA ASP A 4 15.84 -16.95 4.93
C ASP A 4 14.68 -15.92 4.93
N TYR A 5 13.85 -15.99 3.90
CA TYR A 5 12.69 -15.11 3.74
C TYR A 5 11.69 -15.36 4.86
N SER A 6 11.43 -16.62 5.20
CA SER A 6 10.49 -16.97 6.27
C SER A 6 10.95 -16.43 7.61
N ARG A 7 12.21 -16.68 7.95
CA ARG A 7 12.75 -16.13 9.19
C ARG A 7 12.64 -14.62 9.19
N GLU A 8 13.02 -13.95 8.09
CA GLU A 8 12.85 -12.52 7.97
C GLU A 8 11.39 -12.07 8.19
N TYR A 9 10.42 -12.69 7.51
CA TYR A 9 9.02 -12.31 7.73
C TYR A 9 8.64 -12.47 9.20
N SER A 10 9.10 -13.54 9.83
N SER A 10 9.08 -13.55 9.83
CA SER A 10 8.78 -13.77 11.24
CA SER A 10 8.81 -13.75 11.25
C SER A 10 9.42 -12.69 12.11
C SER A 10 9.41 -12.64 12.09
N GLU A 11 10.60 -12.21 11.73
CA GLU A 11 11.25 -11.14 12.49
C GLU A 11 10.55 -9.79 12.29
N VAL A 12 10.01 -9.55 11.08
CA VAL A 12 9.20 -8.35 10.87
C VAL A 12 7.98 -8.36 11.79
N LEU A 13 7.31 -9.52 11.88
CA LEU A 13 6.18 -9.61 12.80
C LEU A 13 6.51 -9.32 14.22
N LEU A 14 7.67 -9.81 14.70
N LEU A 14 7.67 -9.80 14.67
CA LEU A 14 8.08 -9.47 16.06
CA LEU A 14 8.11 -9.53 16.02
C LEU A 14 8.25 -7.97 16.22
C LEU A 14 8.36 -8.02 16.26
N GLN A 15 8.87 -7.33 15.24
CA GLN A 15 9.04 -5.86 15.29
C GLN A 15 7.70 -5.14 15.40
N LEU A 16 6.70 -5.62 14.64
CA LEU A 16 5.38 -5.01 14.69
C LEU A 16 4.63 -5.29 15.99
N LYS A 17 4.76 -6.50 16.52
N LYS A 17 4.73 -6.52 16.49
CA LYS A 17 4.14 -6.84 17.79
CA LYS A 17 4.09 -6.87 17.74
C LYS A 17 4.60 -5.97 18.93
C LYS A 17 4.64 -6.05 18.90
N GLU A 18 5.88 -5.61 18.93
N GLU A 18 5.92 -5.63 18.79
CA GLU A 18 6.43 -4.84 20.04
CA GLU A 18 6.59 -4.87 19.84
C GLU A 18 6.22 -3.33 19.91
C GLU A 18 6.20 -3.39 19.91
N LEU A 19 5.52 -2.90 18.86
CA LEU A 19 5.17 -1.48 18.74
C LEU A 19 4.12 -1.10 19.78
N GLN A 20 4.19 0.16 20.22
N GLN A 20 4.20 0.16 20.21
CA GLN A 20 3.27 0.65 21.24
CA GLN A 20 3.28 0.68 21.23
C GLN A 20 1.79 0.46 20.93
C GLN A 20 1.81 0.42 20.93
N ASP A 21 1.42 0.51 19.66
CA ASP A 21 -0.01 0.46 19.29
C ASP A 21 -0.48 -0.87 18.75
N SER A 22 0.25 -1.94 19.03
CA SER A 22 -0.03 -3.19 18.37
C SER A 22 -1.19 -4.02 18.92
N GLU A 23 -1.63 -3.75 20.16
N GLU A 23 -1.64 -3.75 20.15
CA GLU A 23 -2.50 -4.69 20.88
CA GLU A 23 -2.48 -4.72 20.85
C GLU A 23 -3.74 -5.13 20.10
C GLU A 23 -3.75 -5.14 20.11
N ALA A 24 -4.44 -4.18 19.51
CA ALA A 24 -5.70 -4.49 18.81
C ALA A 24 -5.52 -5.39 17.61
N PHE A 25 -4.30 -5.51 17.11
CA PHE A 25 -3.98 -6.17 15.84
C PHE A 25 -3.29 -7.52 16.02
N LEU A 26 -3.13 -7.99 17.25
CA LEU A 26 -2.35 -9.18 17.55
C LEU A 26 -3.04 -10.46 17.16
N GLU A 27 -4.35 -10.48 17.31
CA GLU A 27 -5.14 -11.69 17.16
C GLU A 27 -6.38 -11.39 16.34
N PRO A 28 -7.01 -12.44 15.76
CA PRO A 28 -8.22 -12.20 14.99
C PRO A 28 -9.28 -11.48 15.82
N VAL A 29 -10.02 -10.60 15.16
CA VAL A 29 -11.16 -9.95 15.77
C VAL A 29 -12.20 -11.02 16.12
N ASN A 30 -12.55 -11.12 17.40
CA ASN A 30 -13.62 -12.01 17.83
C ASN A 30 -14.87 -11.13 17.94
N TRP A 31 -15.53 -10.97 16.81
CA TRP A 31 -16.65 -10.02 16.75
C TRP A 31 -17.83 -10.48 17.58
N LYS A 32 -18.02 -11.78 17.74
CA LYS A 32 -19.11 -12.27 18.56
C LYS A 32 -18.87 -11.89 20.02
N LYS A 33 -17.64 -12.08 20.51
CA LYS A 33 -17.32 -11.70 21.88
C LYS A 33 -17.52 -10.21 22.11
N LEU A 34 -17.19 -9.41 21.09
CA LEU A 34 -17.34 -7.95 21.18
C LEU A 34 -18.76 -7.45 20.92
N GLY A 35 -19.63 -8.33 20.43
CA GLY A 35 -20.99 -7.98 20.10
C GLY A 35 -21.15 -7.18 18.82
N LEU A 36 -20.19 -7.33 17.91
CA LEU A 36 -20.18 -6.55 16.67
C LEU A 36 -20.61 -7.42 15.50
N ASP A 37 -21.91 -7.67 15.40
CA ASP A 37 -22.44 -8.62 14.44
C ASP A 37 -22.19 -8.23 12.98
N ASP A 38 -22.04 -6.95 12.72
CA ASP A 38 -21.83 -6.48 11.36
C ASP A 38 -20.39 -6.58 10.89
N TYR A 39 -19.46 -6.90 11.78
CA TYR A 39 -18.05 -6.94 11.41
C TYR A 39 -17.76 -7.80 10.17
N PRO A 40 -18.25 -9.05 10.11
CA PRO A 40 -17.99 -9.86 8.91
C PRO A 40 -18.74 -9.43 7.65
N ASP A 41 -19.79 -8.63 7.80
CA ASP A 41 -20.51 -8.09 6.64
C ASP A 41 -19.68 -7.01 5.98
N ILE A 42 -18.94 -6.24 6.78
CA ILE A 42 -18.19 -5.10 6.29
C ILE A 42 -16.75 -5.49 5.94
N VAL A 43 -16.15 -6.30 6.80
CA VAL A 43 -14.78 -6.76 6.60
C VAL A 43 -14.79 -8.14 5.96
N LYS A 44 -14.53 -8.17 4.66
CA LYS A 44 -14.67 -9.37 3.86
C LYS A 44 -13.50 -10.31 4.05
N ASN A 45 -12.32 -9.74 4.34
CA ASN A 45 -11.09 -10.52 4.41
C ASN A 45 -10.36 -10.14 5.72
N PRO A 46 -10.80 -10.75 6.84
CA PRO A 46 -10.17 -10.45 8.12
C PRO A 46 -8.69 -10.85 8.12
N MET A 47 -7.86 -10.10 8.83
CA MET A 47 -6.46 -10.45 8.97
C MET A 47 -5.94 -9.83 10.26
N ASP A 48 -4.90 -10.45 10.81
CA ASP A 48 -4.26 -10.03 12.05
C ASP A 48 -2.86 -10.61 12.10
N LEU A 49 -2.06 -10.16 13.05
CA LEU A 49 -0.66 -10.54 13.09
C LEU A 49 -0.41 -12.01 13.40
N LYS A 50 -1.25 -12.62 14.24
N LYS A 50 -1.24 -12.63 14.24
CA LYS A 50 -1.12 -14.03 14.57
CA LYS A 50 -1.07 -14.06 14.54
C LYS A 50 -1.39 -14.90 13.34
C LYS A 50 -1.38 -14.90 13.32
N THR A 51 -2.43 -14.53 12.58
CA THR A 51 -2.76 -15.28 11.38
C THR A 51 -1.66 -15.16 10.35
N ILE A 52 -1.08 -13.98 10.17
CA ILE A 52 0.06 -13.85 9.27
C ILE A 52 1.18 -14.80 9.71
N GLY A 53 1.44 -14.86 11.01
CA GLY A 53 2.47 -15.76 11.51
C GLY A 53 2.19 -17.21 11.13
N LYS A 54 0.93 -17.65 11.21
CA LYS A 54 0.58 -19.02 10.80
C LYS A 54 0.79 -19.21 9.31
N LYS A 55 0.48 -18.18 8.53
CA LYS A 55 0.71 -18.25 7.09
C LYS A 55 2.19 -18.33 6.73
N ILE A 56 3.05 -17.66 7.51
CA ILE A 56 4.49 -17.77 7.29
C ILE A 56 4.91 -19.23 7.54
N LYS A 57 4.44 -19.80 8.64
CA LYS A 57 4.83 -21.17 9.03
C LYS A 57 4.39 -22.19 7.98
N ALA A 58 3.29 -21.92 7.28
CA ALA A 58 2.78 -22.79 6.21
C ALA A 58 3.26 -22.41 4.81
N ASN A 59 4.18 -21.46 4.69
CA ASN A 59 4.81 -21.09 3.44
C ASN A 59 3.81 -20.48 2.45
N PHE A 60 2.91 -19.64 2.96
CA PHE A 60 2.00 -18.90 2.07
C PHE A 60 2.57 -17.66 1.37
N TYR A 61 3.73 -17.19 1.76
CA TYR A 61 4.28 -16.00 1.14
C TYR A 61 5.54 -16.38 0.37
N THR A 62 5.41 -16.59 -0.93
CA THR A 62 6.55 -16.93 -1.76
C THR A 62 7.13 -15.72 -2.49
N LYS A 63 6.49 -14.55 -2.33
CA LYS A 63 7.10 -13.26 -2.68
C LYS A 63 6.78 -12.27 -1.56
N ALA A 64 7.69 -11.33 -1.31
CA ALA A 64 7.51 -10.43 -0.19
C ALA A 64 6.24 -9.60 -0.38
N GLU A 65 5.87 -9.26 -1.60
CA GLU A 65 4.70 -8.41 -1.78
C GLU A 65 3.43 -9.10 -1.24
N GLN A 66 3.40 -10.44 -1.18
CA GLN A 66 2.21 -11.15 -0.66
C GLN A 66 2.15 -11.00 0.88
N PHE A 67 3.31 -11.01 1.52
CA PHE A 67 3.41 -10.75 2.96
C PHE A 67 2.93 -9.33 3.29
N TRP A 68 3.49 -8.35 2.58
CA TRP A 68 3.11 -6.97 2.83
C TRP A 68 1.66 -6.68 2.52
N ALA A 69 1.06 -7.38 1.56
CA ALA A 69 -0.36 -7.21 1.26
C ALA A 69 -1.20 -7.62 2.46
N ASP A 70 -0.83 -8.70 3.15
CA ASP A 70 -1.60 -9.08 4.30
C ASP A 70 -1.37 -8.11 5.47
N ILE A 71 -0.15 -7.60 5.63
CA ILE A 71 0.11 -6.57 6.66
C ILE A 71 -0.79 -5.36 6.39
N ASP A 72 -0.79 -4.86 5.15
CA ASP A 72 -1.62 -3.69 4.75
C ASP A 72 -3.09 -3.96 4.97
N LEU A 73 -3.51 -5.20 4.80
CA LEU A 73 -4.90 -5.56 4.93
C LEU A 73 -5.40 -5.35 6.36
N ILE A 74 -4.52 -5.58 7.34
CA ILE A 74 -4.91 -5.40 8.74
C ILE A 74 -5.32 -3.94 8.94
N TRP A 75 -4.45 -3.03 8.51
CA TRP A 75 -4.78 -1.60 8.74
C TRP A 75 -5.98 -1.15 7.91
N HIS A 76 -6.11 -1.66 6.68
CA HIS A 76 -7.26 -1.38 5.83
C HIS A 76 -8.56 -1.80 6.48
N ASN A 77 -8.58 -3.00 7.04
CA ASN A 77 -9.81 -3.46 7.69
C ASN A 77 -10.21 -2.53 8.82
N CYS A 78 -9.22 -2.12 9.63
CA CYS A 78 -9.52 -1.26 10.75
C CYS A 78 -10.07 0.08 10.26
N GLN A 79 -9.49 0.62 9.19
CA GLN A 79 -9.86 1.98 8.72
C GLN A 79 -11.19 1.92 7.96
N LEU A 80 -11.54 0.78 7.40
CA LEU A 80 -12.84 0.59 6.77
C LEU A 80 -13.95 0.48 7.82
N TYR A 81 -13.72 -0.31 8.85
CA TYR A 81 -14.79 -0.63 9.80
C TYR A 81 -15.05 0.49 10.80
N ASN A 82 -14.01 1.19 11.23
CA ASN A 82 -14.10 2.10 12.36
C ASN A 82 -14.07 3.54 11.92
N HIS A 83 -14.69 4.42 12.70
CA HIS A 83 -14.63 5.85 12.42
C HIS A 83 -13.22 6.39 12.59
N GLU A 84 -12.87 7.37 11.76
CA GLU A 84 -11.58 7.99 11.82
C GLU A 84 -11.23 8.55 13.20
N SER A 85 -12.22 9.09 13.90
CA SER A 85 -11.98 9.67 15.22
C SER A 85 -11.76 8.64 16.32
N SER A 86 -12.02 7.35 16.07
CA SER A 86 -11.87 6.34 17.11
C SER A 86 -10.40 6.08 17.41
N GLU A 87 -10.11 5.65 18.64
CA GLU A 87 -8.76 5.37 19.05
C GLU A 87 -8.17 4.22 18.23
N VAL A 88 -8.92 3.15 17.96
CA VAL A 88 -8.33 2.02 17.23
C VAL A 88 -7.95 2.43 15.82
N TYR A 89 -8.75 3.27 15.18
CA TYR A 89 -8.39 3.80 13.86
C TYR A 89 -7.06 4.51 13.97
N GLN A 90 -6.92 5.40 14.94
CA GLN A 90 -5.68 6.16 15.08
C GLN A 90 -4.49 5.24 15.38
N GLN A 91 -4.73 4.18 16.15
CA GLN A 91 -3.70 3.16 16.39
C GLN A 91 -3.28 2.52 15.08
N SER A 92 -4.23 2.23 14.19
CA SER A 92 -3.88 1.59 12.93
C SER A 92 -3.08 2.49 12.02
N ILE A 93 -3.32 3.80 12.10
CA ILE A 93 -2.53 4.75 11.31
C ILE A 93 -1.08 4.75 11.78
N ARG A 94 -0.86 4.74 13.07
CA ARG A 94 0.49 4.70 13.59
C ARG A 94 1.16 3.37 13.28
N MET A 95 0.41 2.27 13.33
CA MET A 95 0.99 0.99 12.96
C MET A 95 1.35 0.95 11.48
N GLN A 96 0.49 1.51 10.63
CA GLN A 96 0.71 1.55 9.21
C GLN A 96 1.99 2.36 8.89
N ASP A 97 2.12 3.52 9.49
CA ASP A 97 3.33 4.34 9.29
C ASP A 97 4.59 3.57 9.73
N ALA A 98 4.53 2.87 10.86
CA ALA A 98 5.68 2.13 11.34
C ALA A 98 5.97 0.97 10.42
N ALA A 99 4.92 0.30 9.92
CA ALA A 99 5.10 -0.81 9.00
C ALA A 99 5.72 -0.36 7.69
N ASN A 100 5.27 0.79 7.22
CA ASN A 100 5.83 1.35 5.97
C ASN A 100 7.31 1.71 6.18
N ASN A 101 7.71 2.23 7.34
CA ASN A 101 9.13 2.51 7.65
C ASN A 101 9.91 1.21 7.65
N LEU A 102 9.36 0.13 8.22
CA LEU A 102 10.06 -1.15 8.19
C LEU A 102 10.22 -1.66 6.75
N ARG A 103 9.16 -1.56 5.96
CA ARG A 103 9.23 -2.01 4.58
C ARG A 103 10.29 -1.20 3.85
N ASP A 104 10.38 0.10 4.08
CA ASP A 104 11.40 0.90 3.39
C ASP A 104 12.83 0.53 3.76
N MET A 105 13.03 0.05 4.98
CA MET A 105 14.37 -0.27 5.51
C MET A 105 14.89 -1.60 5.02
N LEU A 106 14.00 -2.54 4.83
CA LEU A 106 14.39 -3.93 4.73
C LEU A 106 14.65 -4.37 3.33
N ASP B 4 -18.81 6.48 -5.79
CA ASP B 4 -18.99 7.99 -5.80
C ASP B 4 -17.64 8.64 -5.53
N TYR B 5 -17.09 8.38 -4.34
CA TYR B 5 -15.66 8.64 -4.13
C TYR B 5 -14.83 7.68 -4.96
N SER B 6 -15.21 6.41 -5.00
CA SER B 6 -14.55 5.46 -5.91
C SER B 6 -14.64 5.95 -7.36
N ARG B 7 -15.80 6.43 -7.78
N ARG B 7 -15.80 6.43 -7.78
CA ARG B 7 -15.96 6.96 -9.13
CA ARG B 7 -15.94 6.98 -9.12
C ARG B 7 -15.05 8.16 -9.34
C ARG B 7 -15.02 8.17 -9.33
N GLU B 8 -14.98 9.06 -8.36
CA GLU B 8 -14.05 10.20 -8.47
C GLU B 8 -12.60 9.73 -8.68
N TYR B 9 -12.18 8.74 -7.91
CA TYR B 9 -10.83 8.24 -8.04
C TYR B 9 -10.59 7.66 -9.43
N SER B 10 -11.58 6.93 -9.95
N SER B 10 -11.58 6.93 -9.95
CA SER B 10 -11.46 6.37 -11.30
CA SER B 10 -11.45 6.34 -11.28
C SER B 10 -11.35 7.47 -12.34
C SER B 10 -11.37 7.45 -12.35
N GLU B 11 -12.12 8.53 -12.17
CA GLU B 11 -12.08 9.65 -13.07
C GLU B 11 -10.73 10.37 -12.99
N VAL B 12 -10.15 10.46 -11.80
CA VAL B 12 -8.80 11.00 -11.71
C VAL B 12 -7.80 10.20 -12.54
N LEU B 13 -7.89 8.87 -12.43
CA LEU B 13 -6.99 8.02 -13.21
C LEU B 13 -7.21 8.18 -14.71
N LEU B 14 -8.45 8.34 -15.15
N LEU B 14 -8.45 8.35 -15.14
CA LEU B 14 -8.70 8.63 -16.58
CA LEU B 14 -8.71 8.56 -16.55
C LEU B 14 -7.94 9.85 -17.04
C LEU B 14 -8.07 9.87 -17.07
N GLN B 15 -7.99 10.91 -16.25
CA GLN B 15 -7.26 12.13 -16.60
C GLN B 15 -5.76 11.88 -16.62
N LEU B 16 -5.21 11.26 -15.57
CA LEU B 16 -3.77 11.05 -15.50
C LEU B 16 -3.23 10.17 -16.62
N LYS B 17 -3.99 9.15 -16.99
CA LYS B 17 -3.55 8.24 -18.05
C LYS B 17 -3.44 8.94 -19.40
N GLU B 18 -4.22 10.00 -19.62
N GLU B 18 -4.24 9.98 -19.61
CA GLU B 18 -4.19 10.69 -20.91
CA GLU B 18 -4.24 10.73 -20.88
C GLU B 18 -3.23 11.87 -20.95
C GLU B 18 -3.17 11.80 -20.98
N LEU B 19 -2.48 12.08 -19.88
CA LEU B 19 -1.43 13.11 -19.89
C LEU B 19 -0.25 12.72 -20.78
N GLN B 20 0.37 13.76 -21.37
CA GLN B 20 1.49 13.59 -22.29
C GLN B 20 2.56 12.61 -21.79
N ASP B 21 2.91 12.70 -20.52
CA ASP B 21 4.04 11.95 -19.94
C ASP B 21 3.63 10.69 -19.18
N SER B 22 2.45 10.14 -19.44
CA SER B 22 1.92 9.08 -18.60
C SER B 22 2.49 7.68 -18.90
N GLU B 23 3.06 7.45 -20.09
CA GLU B 23 3.25 6.07 -20.55
CA GLU B 23 3.32 6.08 -20.58
C GLU B 23 4.08 5.20 -19.60
N ALA B 24 5.18 5.72 -19.04
CA ALA B 24 6.02 4.90 -18.15
C ALA B 24 5.32 4.47 -16.87
N PHE B 25 4.22 5.11 -16.53
CA PHE B 25 3.54 4.95 -15.25
C PHE B 25 2.24 4.16 -15.32
N LEU B 26 1.89 3.66 -16.51
CA LEU B 26 0.61 3.03 -16.73
C LEU B 26 0.53 1.66 -16.09
N GLU B 27 1.63 0.92 -16.08
CA GLU B 27 1.65 -0.48 -15.68
C GLU B 27 2.79 -0.74 -14.73
N PRO B 28 2.70 -1.82 -13.93
CA PRO B 28 3.82 -2.11 -13.02
C PRO B 28 5.14 -2.21 -13.78
N VAL B 29 6.19 -1.73 -13.16
CA VAL B 29 7.55 -1.92 -13.70
C VAL B 29 7.87 -3.42 -13.76
N ASN B 30 8.16 -3.92 -14.96
CA ASN B 30 8.58 -5.31 -15.11
C ASN B 30 10.09 -5.24 -15.20
N TRP B 31 10.73 -5.21 -14.04
CA TRP B 31 12.16 -4.99 -13.99
C TRP B 31 12.94 -6.16 -14.59
N LYS B 32 12.39 -7.37 -14.53
CA LYS B 32 13.09 -8.50 -15.17
C LYS B 32 13.08 -8.32 -16.68
N LYS B 33 11.95 -7.94 -17.24
N LYS B 33 11.96 -7.94 -17.26
CA LYS B 33 11.86 -7.67 -18.67
CA LYS B 33 11.91 -7.68 -18.70
C LYS B 33 12.83 -6.58 -19.10
C LYS B 33 12.88 -6.59 -19.10
N LEU B 34 13.01 -5.57 -18.25
CA LEU B 34 13.90 -4.44 -18.56
C LEU B 34 15.37 -4.73 -18.23
N GLY B 35 15.65 -5.83 -17.56
CA GLY B 35 17.01 -6.15 -17.20
C GLY B 35 17.54 -5.38 -16.00
N LEU B 36 16.66 -4.79 -15.19
CA LEU B 36 17.07 -3.93 -14.10
C LEU B 36 16.95 -4.64 -12.77
N ASP B 37 17.93 -5.49 -12.48
N ASP B 37 17.91 -5.50 -12.45
CA ASP B 37 17.91 -6.38 -11.33
CA ASP B 37 17.79 -6.38 -11.30
C ASP B 37 17.86 -5.64 -10.00
C ASP B 37 17.85 -5.64 -9.96
N ASP B 38 18.41 -4.44 -9.96
CA ASP B 38 18.47 -3.65 -8.73
C ASP B 38 17.19 -2.88 -8.42
N TYR B 39 16.22 -2.88 -9.32
CA TYR B 39 14.97 -2.13 -9.08
C TYR B 39 14.32 -2.46 -7.72
N PRO B 40 14.05 -3.75 -7.43
CA PRO B 40 13.43 -4.06 -6.12
C PRO B 40 14.36 -3.84 -4.93
N ASP B 41 15.67 -3.77 -5.15
CA ASP B 41 16.58 -3.46 -4.04
C ASP B 41 16.51 -2.00 -3.63
N ILE B 42 15.93 -1.16 -4.51
CA ILE B 42 15.89 0.26 -4.31
C ILE B 42 14.46 0.73 -4.10
N VAL B 43 13.55 0.24 -4.93
CA VAL B 43 12.14 0.58 -4.82
C VAL B 43 11.46 -0.52 -4.02
N LYS B 44 11.18 -0.26 -2.75
N LYS B 44 11.17 -0.20 -2.76
CA LYS B 44 10.66 -1.32 -1.88
CA LYS B 44 10.68 -1.18 -1.82
C LYS B 44 9.13 -1.41 -1.88
C LYS B 44 9.17 -1.38 -1.88
N ASN B 45 8.46 -0.37 -2.39
CA ASN B 45 6.98 -0.40 -2.47
C ASN B 45 6.56 0.10 -3.86
N PRO B 46 6.62 -0.80 -4.85
N PRO B 46 6.56 -0.81 -4.83
CA PRO B 46 6.23 -0.47 -6.22
CA PRO B 46 6.28 -0.39 -6.20
C PRO B 46 4.80 0.05 -6.32
C PRO B 46 4.81 -0.03 -6.40
N MET B 47 4.54 0.94 -7.27
CA MET B 47 3.17 1.36 -7.56
C MET B 47 3.07 1.91 -8.99
N ASP B 48 1.88 1.80 -9.59
CA ASP B 48 1.63 2.27 -10.95
C ASP B 48 0.13 2.51 -11.10
N LEU B 49 -0.25 3.15 -12.19
CA LEU B 49 -1.64 3.60 -12.33
C LEU B 49 -2.64 2.46 -12.47
N LYS B 50 -2.25 1.36 -13.11
N LYS B 50 -2.25 1.35 -13.11
CA LYS B 50 -3.14 0.22 -13.28
CA LYS B 50 -3.17 0.23 -13.26
C LYS B 50 -3.41 -0.44 -11.93
C LYS B 50 -3.44 -0.42 -11.90
N THR B 51 -2.37 -0.59 -11.12
CA THR B 51 -2.51 -1.18 -9.79
C THR B 51 -3.43 -0.31 -8.92
N ILE B 52 -3.29 1.01 -8.99
CA ILE B 52 -4.20 1.88 -8.27
C ILE B 52 -5.64 1.65 -8.72
N GLY B 53 -5.84 1.51 -10.02
CA GLY B 53 -7.16 1.24 -10.53
C GLY B 53 -7.77 -0.03 -9.97
N LYS B 54 -6.96 -1.09 -9.84
CA LYS B 54 -7.45 -2.32 -9.22
C LYS B 54 -7.79 -2.11 -7.75
N LYS B 55 -7.02 -1.30 -7.06
CA LYS B 55 -7.29 -0.98 -5.67
C LYS B 55 -8.54 -0.15 -5.49
N ILE B 56 -8.85 0.73 -6.43
CA ILE B 56 -10.10 1.46 -6.41
C ILE B 56 -11.25 0.46 -6.48
N LYS B 57 -11.19 -0.42 -7.48
CA LYS B 57 -12.25 -1.41 -7.71
C LYS B 57 -12.46 -2.31 -6.47
N ALA B 58 -11.38 -2.63 -5.78
CA ALA B 58 -11.40 -3.53 -4.59
C ALA B 58 -11.67 -2.81 -3.24
N ASN B 59 -11.98 -1.51 -3.32
CA ASN B 59 -12.38 -0.66 -2.17
C ASN B 59 -11.27 -0.51 -1.13
N PHE B 60 -10.04 -0.39 -1.57
CA PHE B 60 -8.94 -0.28 -0.64
C PHE B 60 -8.70 1.13 -0.17
N TYR B 61 -9.35 2.13 -0.80
CA TYR B 61 -9.17 3.51 -0.38
C TYR B 61 -10.38 4.02 0.41
N THR B 62 -10.24 4.05 1.74
CA THR B 62 -11.35 4.41 2.63
C THR B 62 -11.41 5.93 2.85
N LYS B 63 -10.32 6.59 2.47
CA LYS B 63 -10.23 8.06 2.50
CA LYS B 63 -10.20 8.05 2.52
C LYS B 63 -9.41 8.52 1.31
N ALA B 64 -9.68 9.72 0.82
CA ALA B 64 -9.00 10.20 -0.36
C ALA B 64 -7.50 10.28 -0.16
N GLU B 65 -7.03 10.57 1.05
CA GLU B 65 -5.61 10.69 1.27
C GLU B 65 -4.91 9.36 0.98
N GLN B 66 -5.59 8.23 1.15
CA GLN B 66 -4.97 6.91 0.87
C GLN B 66 -4.77 6.73 -0.62
N PHE B 67 -5.74 7.19 -1.41
CA PHE B 67 -5.62 7.15 -2.87
C PHE B 67 -4.46 8.02 -3.31
N TRP B 68 -4.44 9.26 -2.84
CA TRP B 68 -3.41 10.20 -3.25
C TRP B 68 -2.02 9.81 -2.77
N ALA B 69 -1.92 9.11 -1.65
CA ALA B 69 -0.64 8.57 -1.21
C ALA B 69 -0.08 7.55 -2.19
N ASP B 70 -0.93 6.71 -2.74
CA ASP B 70 -0.44 5.76 -3.77
C ASP B 70 -0.07 6.47 -5.05
N ILE B 71 -0.80 7.53 -5.44
CA ILE B 71 -0.45 8.33 -6.60
C ILE B 71 0.94 8.91 -6.37
N ASP B 72 1.15 9.53 -5.20
CA ASP B 72 2.47 10.13 -4.83
C ASP B 72 3.57 9.07 -4.90
N LEU B 73 3.25 7.85 -4.50
CA LEU B 73 4.25 6.80 -4.44
C LEU B 73 4.83 6.50 -5.82
N ILE B 74 4.00 6.59 -6.87
CA ILE B 74 4.49 6.36 -8.24
C ILE B 74 5.64 7.31 -8.55
N TRP B 75 5.41 8.60 -8.30
CA TRP B 75 6.41 9.60 -8.68
C TRP B 75 7.65 9.50 -7.79
N HIS B 76 7.41 9.24 -6.51
CA HIS B 76 8.49 9.02 -5.55
C HIS B 76 9.40 7.88 -5.96
N ASN B 77 8.81 6.76 -6.33
CA ASN B 77 9.64 5.64 -6.76
C ASN B 77 10.50 6.00 -7.95
N CYS B 78 9.93 6.69 -8.94
CA CYS B 78 10.65 7.04 -10.12
C CYS B 78 11.82 7.97 -9.79
N GLN B 79 11.55 8.91 -8.90
CA GLN B 79 12.56 9.91 -8.55
C GLN B 79 13.66 9.35 -7.68
N LEU B 80 13.32 8.38 -6.85
CA LEU B 80 14.32 7.73 -6.01
C LEU B 80 15.25 6.84 -6.83
N TYR B 81 14.71 6.16 -7.84
CA TYR B 81 15.48 5.16 -8.59
C TYR B 81 16.33 5.76 -9.71
N ASN B 82 15.78 6.75 -10.39
CA ASN B 82 16.37 7.25 -11.63
C ASN B 82 17.18 8.52 -11.38
N HIS B 83 18.21 8.73 -12.21
CA HIS B 83 18.96 9.99 -12.16
C HIS B 83 18.07 11.16 -12.52
N GLU B 84 18.29 12.30 -11.85
CA GLU B 84 17.53 13.50 -12.15
C GLU B 84 17.62 13.92 -13.62
N SER B 85 18.75 13.64 -14.27
CA SER B 85 18.93 13.99 -15.68
C SER B 85 18.19 13.10 -16.67
N SER B 86 17.65 11.97 -16.21
CA SER B 86 16.99 11.02 -17.10
C SER B 86 15.63 11.53 -17.55
N GLU B 87 15.20 11.10 -18.73
N GLU B 87 15.20 11.11 -18.73
CA GLU B 87 13.91 11.52 -19.25
CA GLU B 87 13.91 11.53 -19.25
C GLU B 87 12.78 11.07 -18.35
C GLU B 87 12.78 11.07 -18.35
N VAL B 88 12.84 9.84 -17.85
CA VAL B 88 11.72 9.32 -17.07
C VAL B 88 11.56 10.12 -15.76
N TYR B 89 12.68 10.51 -15.15
CA TYR B 89 12.59 11.34 -13.96
C TYR B 89 11.84 12.62 -14.28
N GLN B 90 12.22 13.26 -15.38
N GLN B 90 12.21 13.27 -15.38
CA GLN B 90 11.58 14.50 -15.80
CA GLN B 90 11.56 14.52 -15.74
C GLN B 90 10.11 14.31 -16.09
C GLN B 90 10.09 14.31 -16.10
N GLN B 91 9.77 13.19 -16.73
CA GLN B 91 8.37 12.81 -16.95
C GLN B 91 7.59 12.74 -15.63
N SER B 92 8.19 12.11 -14.62
CA SER B 92 7.50 11.94 -13.36
C SER B 92 7.27 13.26 -12.66
N ILE B 93 8.18 14.21 -12.84
CA ILE B 93 7.99 15.55 -12.26
C ILE B 93 6.78 16.25 -12.89
N ARG B 94 6.64 16.15 -14.20
CA ARG B 94 5.49 16.74 -14.87
C ARG B 94 4.20 16.03 -14.48
N MET B 95 4.23 14.70 -14.37
CA MET B 95 3.05 14.01 -13.92
C MET B 95 2.65 14.42 -12.51
N GLN B 96 3.65 14.53 -11.63
CA GLN B 96 3.44 14.89 -10.24
C GLN B 96 2.81 16.27 -10.11
N ASP B 97 3.33 17.21 -10.88
CA ASP B 97 2.79 18.59 -10.81
C ASP B 97 1.31 18.60 -11.27
N ALA B 98 1.01 17.85 -12.34
CA ALA B 98 -0.38 17.79 -12.83
C ALA B 98 -1.27 17.09 -11.83
N ALA B 99 -0.80 15.99 -11.25
CA ALA B 99 -1.59 15.28 -10.26
C ALA B 99 -1.88 16.14 -9.04
N ASN B 100 -0.86 16.85 -8.58
CA ASN B 100 -1.02 17.68 -7.37
C ASN B 100 -2.01 18.81 -7.62
N ASN B 101 -1.95 19.41 -8.79
CA ASN B 101 -2.92 20.44 -9.13
C ASN B 101 -4.32 19.86 -9.23
N LEU B 102 -4.45 18.66 -9.76
CA LEU B 102 -5.76 18.04 -9.85
C LEU B 102 -6.30 17.78 -8.45
N ARG B 103 -5.48 17.24 -7.55
CA ARG B 103 -5.93 16.99 -6.18
C ARG B 103 -6.45 18.29 -5.55
N ASP B 104 -5.76 19.39 -5.81
CA ASP B 104 -6.12 20.68 -5.22
C ASP B 104 -7.48 21.20 -5.71
N MET B 105 -7.86 20.75 -6.91
N MET B 105 -7.97 20.74 -6.85
CA MET B 105 -9.14 21.07 -7.56
CA MET B 105 -9.28 21.19 -7.31
C MET B 105 -10.33 20.25 -7.03
C MET B 105 -10.41 20.33 -6.82
N LEU B 106 -10.08 19.21 -6.21
CA LEU B 106 -11.10 18.25 -5.77
C LEU B 106 -11.43 18.32 -4.28
#